data_2H13
#
_entry.id   2H13
#
_cell.length_a   78.680
_cell.length_b   98.860
_cell.length_c   80.580
_cell.angle_alpha   90.00
_cell.angle_beta   90.00
_cell.angle_gamma   90.00
#
_symmetry.space_group_name_H-M   'C 2 2 21'
#
loop_
_entity.id
_entity.type
_entity.pdbx_description
1 polymer 'WD-repeat protein 5'
2 polymer 'histone H3 lys-4 dimethylated'
3 water water
#
loop_
_entity_poly.entity_id
_entity_poly.type
_entity_poly.pdbx_seq_one_letter_code
_entity_poly.pdbx_strand_id
1 'polypeptide(L)'
;GAMGSATQSKPTPVKPNYALKFTLAGHTKAVSSVKFSPNGEWLASSSADKLIKIWGAYDGKFEKTISGHKLGISDVAWSS
DSNLLVSASDDKTLKIWDVSSGKCLKTLKGHSNYVFCCNFNPQSNLIVSGSFDESVRIWDVKTGKCLKTLPAHSDPVSAV
HFNRDGSLIVSSSYDGLCRIWDTASGQCLKTLIDDDNPPVSFVKFSPNGKYILAATLDNTLKLWDYSKGKCLKTYTGHKN
EKYCIFANFSVTGGKWIVSGSEDNLVYIWNLQTKEIVQKLQGHTDVVISTACHPTENIIASAALENDKTIKLWKSDC
;
A
2 'polypeptide(L)' ART(MLY)QTARKS B
#
# COMPACT_ATOMS: atom_id res chain seq x y z
N LYS A 15 18.32 -0.49 -17.94
CA LYS A 15 16.93 0.04 -17.72
C LYS A 15 15.93 -1.07 -18.00
N PRO A 16 14.76 -1.03 -17.35
CA PRO A 16 13.75 -2.04 -17.64
C PRO A 16 13.01 -1.75 -18.95
N ASN A 17 12.23 -2.71 -19.43
CA ASN A 17 11.41 -2.48 -20.62
C ASN A 17 9.98 -2.96 -20.37
N TYR A 18 9.36 -2.40 -19.35
CA TYR A 18 7.96 -2.76 -19.07
C TYR A 18 7.06 -2.45 -20.23
N ALA A 19 6.32 -3.46 -20.67
CA ALA A 19 5.36 -3.32 -21.76
C ALA A 19 4.01 -3.82 -21.26
N LEU A 20 2.96 -3.12 -21.71
CA LEU A 20 1.61 -3.46 -21.29
C LEU A 20 1.21 -4.83 -21.86
N LYS A 21 0.72 -5.71 -20.97
CA LYS A 21 0.30 -7.05 -21.34
C LYS A 21 -1.21 -7.29 -21.20
N PHE A 22 -1.82 -6.75 -20.13
CA PHE A 22 -3.25 -6.93 -19.90
C PHE A 22 -3.84 -5.70 -19.25
N THR A 23 -5.10 -5.43 -19.61
CA THR A 23 -5.90 -4.41 -18.92
C THR A 23 -7.09 -5.13 -18.28
N LEU A 24 -7.32 -4.84 -17.01
CA LEU A 24 -8.30 -5.58 -16.19
C LEU A 24 -9.46 -4.65 -15.85
N ALA A 25 -10.63 -4.97 -16.41
CA ALA A 25 -11.83 -4.17 -16.22
C ALA A 25 -12.79 -4.96 -15.31
N GLY A 26 -13.42 -4.25 -14.38
CA GLY A 26 -14.47 -4.91 -13.57
C GLY A 26 -14.94 -3.95 -12.47
N HIS A 27 -14.03 -3.19 -11.89
CA HIS A 27 -14.50 -2.29 -10.81
C HIS A 27 -15.38 -1.21 -11.39
N THR A 28 -16.43 -0.81 -10.63
CA THR A 28 -17.38 0.19 -11.13
C THR A 28 -17.12 1.61 -10.64
N LYS A 29 -16.09 1.78 -9.79
CA LYS A 29 -15.61 3.10 -9.37
C LYS A 29 -14.08 3.01 -9.31
N ALA A 30 -13.48 4.16 -9.02
CA ALA A 30 -12.02 4.24 -8.83
C ALA A 30 -11.44 3.00 -8.09
N VAL A 31 -10.33 2.49 -8.57
CA VAL A 31 -9.59 1.43 -7.87
C VAL A 31 -8.74 2.15 -6.81
N SER A 32 -8.64 1.56 -5.62
CA SER A 32 -7.84 2.20 -4.55
C SER A 32 -6.50 1.52 -4.27
N SER A 33 -6.41 0.20 -4.42
CA SER A 33 -5.14 -0.50 -4.11
C SER A 33 -5.09 -1.81 -4.91
N VAL A 34 -3.88 -2.18 -5.31
CA VAL A 34 -3.61 -3.54 -5.87
C VAL A 34 -2.43 -4.16 -5.13
N LYS A 35 -2.49 -5.48 -4.95
CA LYS A 35 -1.42 -6.18 -4.23
C LYS A 35 -1.29 -7.58 -4.77
N PHE A 36 -0.05 -8.02 -4.98
CA PHE A 36 0.21 -9.38 -5.44
C PHE A 36 0.30 -10.32 -4.22
N SER A 37 -0.34 -11.50 -4.30
CA SER A 37 -0.17 -12.48 -3.21
C SER A 37 1.31 -12.87 -3.06
N PRO A 38 1.74 -13.14 -1.82
CA PRO A 38 3.15 -13.60 -1.67
C PRO A 38 3.57 -14.83 -2.49
N ASN A 39 2.64 -15.73 -2.79
CA ASN A 39 2.97 -16.96 -3.55
C ASN A 39 2.94 -16.69 -5.07
N GLY A 40 2.72 -15.42 -5.44
CA GLY A 40 2.76 -15.01 -6.86
C GLY A 40 1.58 -15.40 -7.74
N GLU A 41 0.60 -16.11 -7.18
CA GLU A 41 -0.49 -16.59 -8.03
C GLU A 41 -1.57 -15.55 -8.39
N TRP A 42 -1.77 -14.59 -7.48
CA TRP A 42 -2.98 -13.75 -7.54
C TRP A 42 -2.65 -12.28 -7.38
N LEU A 43 -3.51 -11.46 -7.98
CA LEU A 43 -3.54 -10.03 -7.69
C LEU A 43 -4.89 -9.77 -6.97
N ALA A 44 -4.87 -9.01 -5.85
CA ALA A 44 -6.11 -8.53 -5.21
C ALA A 44 -6.22 -7.05 -5.49
N SER A 45 -7.44 -6.59 -5.73
CA SER A 45 -7.71 -5.18 -5.87
C SER A 45 -8.85 -4.77 -4.95
N SER A 46 -8.79 -3.52 -4.48
CA SER A 46 -9.92 -2.91 -3.74
C SER A 46 -10.36 -1.64 -4.44
N SER A 47 -11.60 -1.23 -4.15
CA SER A 47 -12.15 -0.08 -4.87
C SER A 47 -13.13 0.74 -4.05
N ALA A 48 -13.31 1.98 -4.45
CA ALA A 48 -14.41 2.80 -3.94
C ALA A 48 -15.81 2.15 -4.15
N ASP A 49 -15.86 1.12 -5.05
CA ASP A 49 -17.14 0.43 -5.32
C ASP A 49 -17.48 -0.61 -4.20
N LYS A 50 -16.70 -0.62 -3.11
CA LYS A 50 -16.96 -1.46 -1.93
C LYS A 50 -16.57 -2.93 -2.15
N LEU A 51 -15.91 -3.24 -3.28
CA LEU A 51 -15.62 -4.63 -3.61
C LEU A 51 -14.11 -4.86 -3.60
N ILE A 52 -13.75 -6.11 -3.32
CA ILE A 52 -12.44 -6.67 -3.57
C ILE A 52 -12.56 -7.62 -4.77
N LYS A 53 -11.63 -7.53 -5.72
CA LYS A 53 -11.56 -8.50 -6.82
C LYS A 53 -10.23 -9.24 -6.83
N ILE A 54 -10.29 -10.49 -7.25
CA ILE A 54 -9.11 -11.35 -7.36
C ILE A 54 -8.92 -11.64 -8.84
N TRP A 55 -7.65 -11.58 -9.27
CA TRP A 55 -7.29 -11.75 -10.70
C TRP A 55 -6.06 -12.66 -10.77
N GLY A 56 -5.94 -13.45 -11.82
CA GLY A 56 -4.70 -14.22 -12.00
C GLY A 56 -3.51 -13.26 -12.23
N ALA A 57 -2.42 -13.51 -11.55
CA ALA A 57 -1.28 -12.59 -11.60
C ALA A 57 -0.61 -12.63 -12.95
N TYR A 58 -0.67 -13.78 -13.64
CA TYR A 58 0.16 -13.95 -14.87
C TYR A 58 -0.63 -13.62 -16.13
N ASP A 59 -1.93 -13.87 -16.06
CA ASP A 59 -2.81 -13.75 -17.23
C ASP A 59 -3.86 -12.65 -17.06
N GLY A 60 -3.94 -12.05 -15.88
CA GLY A 60 -4.92 -11.01 -15.66
C GLY A 60 -6.35 -11.52 -15.62
N LYS A 61 -6.53 -12.84 -15.57
CA LYS A 61 -7.89 -13.38 -15.73
C LYS A 61 -8.68 -13.14 -14.45
N PHE A 62 -9.86 -12.54 -14.61
CA PHE A 62 -10.72 -12.30 -13.44
C PHE A 62 -11.01 -13.62 -12.75
N GLU A 63 -10.90 -13.65 -11.43
CA GLU A 63 -11.16 -14.85 -10.65
C GLU A 63 -12.49 -14.80 -9.89
N LYS A 64 -12.62 -13.83 -8.99
CA LYS A 64 -13.87 -13.73 -8.21
C LYS A 64 -13.96 -12.35 -7.55
N THR A 65 -15.16 -12.01 -7.09
CA THR A 65 -15.44 -10.78 -6.36
C THR A 65 -15.74 -11.14 -4.92
N ILE A 66 -15.17 -10.38 -3.98
CA ILE A 66 -15.41 -10.60 -2.57
C ILE A 66 -16.09 -9.31 -2.05
N SER A 67 -17.24 -9.49 -1.44
CA SER A 67 -18.16 -8.36 -1.13
C SER A 67 -18.52 -8.41 0.34
N GLY A 68 -18.92 -7.25 0.87
CA GLY A 68 -19.43 -7.20 2.24
C GLY A 68 -19.28 -5.84 2.91
N HIS A 69 -18.22 -5.11 2.58
CA HIS A 69 -18.13 -3.78 3.19
C HIS A 69 -19.32 -2.93 2.78
N LYS A 70 -19.67 -1.98 3.65
CA LYS A 70 -20.85 -1.11 3.43
C LYS A 70 -20.52 0.18 2.68
N LEU A 71 -19.22 0.54 2.65
CA LEU A 71 -18.75 1.75 1.98
C LEU A 71 -17.42 1.43 1.33
N GLY A 72 -16.88 2.42 0.62
CA GLY A 72 -15.72 2.21 -0.16
C GLY A 72 -14.50 1.68 0.61
N ILE A 73 -13.61 1.00 -0.10
CA ILE A 73 -12.42 0.39 0.51
C ILE A 73 -11.17 1.17 0.06
N SER A 74 -10.29 1.52 1.00
CA SER A 74 -9.09 2.28 0.62
C SER A 74 -7.86 1.39 0.50
N ASP A 75 -7.89 0.20 1.09
CA ASP A 75 -6.66 -0.65 1.09
C ASP A 75 -7.05 -2.13 1.30
N VAL A 76 -6.19 -3.03 0.79
CA VAL A 76 -6.37 -4.48 1.01
C VAL A 76 -4.95 -5.03 1.08
N ALA A 77 -4.79 -6.08 1.85
CA ALA A 77 -3.45 -6.63 2.08
C ALA A 77 -3.52 -8.14 2.29
N TRP A 78 -2.51 -8.85 1.80
CA TRP A 78 -2.46 -10.31 1.92
C TRP A 78 -1.73 -10.82 3.19
N SER A 79 -2.22 -11.92 3.75
CA SER A 79 -1.44 -12.65 4.76
C SER A 79 -0.21 -13.28 4.06
N SER A 80 0.81 -13.60 4.87
CA SER A 80 2.04 -14.03 4.25
C SER A 80 1.93 -15.43 3.57
N ASP A 81 0.93 -16.22 3.98
CA ASP A 81 0.67 -17.56 3.35
C ASP A 81 -0.31 -17.46 2.12
N SER A 82 -0.67 -16.23 1.74
CA SER A 82 -1.52 -15.97 0.56
C SER A 82 -2.95 -16.48 0.75
N ASN A 83 -3.35 -16.82 2.01
CA ASN A 83 -4.71 -17.39 2.22
C ASN A 83 -5.76 -16.39 2.63
N LEU A 84 -5.31 -15.31 3.26
CA LEU A 84 -6.21 -14.29 3.82
C LEU A 84 -5.96 -12.93 3.24
N LEU A 85 -7.00 -12.09 3.27
CA LEU A 85 -6.87 -10.66 2.98
C LEU A 85 -7.37 -9.90 4.18
N VAL A 86 -6.86 -8.69 4.35
CA VAL A 86 -7.53 -7.75 5.26
C VAL A 86 -7.81 -6.49 4.45
N SER A 87 -8.96 -5.87 4.67
CA SER A 87 -9.31 -4.65 3.95
C SER A 87 -9.71 -3.56 4.92
N ALA A 88 -9.52 -2.31 4.50
CA ALA A 88 -9.81 -1.14 5.32
C ALA A 88 -10.82 -0.26 4.61
N SER A 89 -11.89 0.10 5.32
CA SER A 89 -13.02 0.75 4.65
C SER A 89 -13.49 2.01 5.34
N ASP A 90 -14.15 2.87 4.53
CA ASP A 90 -14.85 4.03 5.08
C ASP A 90 -16.03 3.63 6.02
N ASP A 91 -16.44 2.33 5.98
CA ASP A 91 -17.46 1.91 6.95
C ASP A 91 -16.90 1.81 8.38
N LYS A 92 -15.63 2.19 8.53
CA LYS A 92 -14.96 2.26 9.86
C LYS A 92 -14.54 0.87 10.38
N THR A 93 -14.63 -0.14 9.51
CA THR A 93 -14.17 -1.45 9.89
C THR A 93 -12.96 -1.85 9.07
N LEU A 94 -12.27 -2.84 9.59
CA LEU A 94 -11.50 -3.74 8.70
C LEU A 94 -12.20 -5.08 8.60
N LYS A 95 -11.99 -5.81 7.51
CA LYS A 95 -12.55 -7.16 7.44
C LYS A 95 -11.43 -8.11 7.09
N ILE A 96 -11.43 -9.27 7.74
CA ILE A 96 -10.46 -10.34 7.43
C ILE A 96 -11.23 -11.37 6.61
N TRP A 97 -10.66 -11.74 5.46
CA TRP A 97 -11.33 -12.62 4.50
C TRP A 97 -10.54 -13.91 4.27
N ASP A 98 -11.25 -15.02 4.21
CA ASP A 98 -10.65 -16.27 3.70
C ASP A 98 -10.84 -16.21 2.18
N VAL A 99 -9.73 -16.10 1.44
CA VAL A 99 -9.84 -15.88 0.01
C VAL A 99 -10.53 -17.04 -0.70
N SER A 100 -10.16 -18.27 -0.33
CA SER A 100 -10.68 -19.45 -1.05
C SER A 100 -12.20 -19.56 -0.92
N SER A 101 -12.72 -19.31 0.28
CA SER A 101 -14.16 -19.46 0.52
C SER A 101 -14.91 -18.16 0.24
N GLY A 102 -14.18 -17.03 0.21
CA GLY A 102 -14.81 -15.68 0.10
C GLY A 102 -15.45 -15.19 1.41
N LYS A 103 -15.37 -15.99 2.48
CA LYS A 103 -16.02 -15.62 3.75
C LYS A 103 -15.29 -14.52 4.50
N CYS A 104 -16.07 -13.55 4.98
CA CYS A 104 -15.57 -12.61 5.99
C CYS A 104 -15.39 -13.30 7.35
N LEU A 105 -14.16 -13.58 7.75
CA LEU A 105 -13.91 -14.27 9.03
C LEU A 105 -14.18 -13.42 10.29
N LYS A 106 -13.77 -12.16 10.22
CA LYS A 106 -13.92 -11.23 11.33
C LYS A 106 -14.14 -9.83 10.74
N THR A 107 -14.94 -9.05 11.45
CA THR A 107 -15.08 -7.61 11.20
C THR A 107 -14.49 -6.89 12.42
N LEU A 108 -13.49 -6.06 12.14
CA LEU A 108 -12.69 -5.45 13.19
C LEU A 108 -13.29 -4.05 13.45
N LYS A 109 -13.92 -3.93 14.61
CA LYS A 109 -14.57 -2.68 15.01
C LYS A 109 -13.77 -2.02 16.13
N GLY A 110 -13.57 -0.70 16.05
CA GLY A 110 -12.84 -0.01 17.11
C GLY A 110 -12.44 1.37 16.63
N HIS A 111 -12.05 1.48 15.35
CA HIS A 111 -11.78 2.85 14.88
C HIS A 111 -13.04 3.71 14.92
N SER A 112 -12.88 5.00 15.17
CA SER A 112 -14.03 5.92 15.23
C SER A 112 -14.26 6.73 13.97
N ASN A 113 -13.44 6.47 12.95
CA ASN A 113 -13.59 7.12 11.69
C ASN A 113 -13.03 6.21 10.60
N TYR A 114 -13.06 6.69 9.35
CA TYR A 114 -12.68 5.82 8.21
C TYR A 114 -11.37 5.06 8.46
N VAL A 115 -11.32 3.81 8.01
CA VAL A 115 -10.04 3.09 8.09
C VAL A 115 -9.36 3.18 6.70
N PHE A 116 -8.10 3.57 6.70
CA PHE A 116 -7.45 3.99 5.43
C PHE A 116 -6.41 3.02 4.90
N CYS A 117 -5.73 2.36 5.84
CA CYS A 117 -4.53 1.55 5.50
C CYS A 117 -4.43 0.36 6.43
N CYS A 118 -3.85 -0.71 5.91
CA CYS A 118 -3.75 -1.92 6.70
C CYS A 118 -2.68 -2.86 6.19
N ASN A 119 -2.23 -3.71 7.08
CA ASN A 119 -1.21 -4.73 6.77
C ASN A 119 -1.18 -5.82 7.83
N PHE A 120 -0.86 -7.05 7.42
CA PHE A 120 -0.52 -8.08 8.40
C PHE A 120 0.94 -7.95 8.78
N ASN A 121 1.31 -8.46 9.96
CA ASN A 121 2.75 -8.66 10.26
C ASN A 121 3.26 -9.86 9.41
N PRO A 122 4.61 -9.93 9.13
CA PRO A 122 5.15 -11.04 8.33
C PRO A 122 4.70 -12.43 8.84
N GLN A 123 4.58 -12.57 10.14
CA GLN A 123 4.05 -13.78 10.71
C GLN A 123 2.59 -14.02 10.30
N SER A 124 1.79 -12.93 10.30
CA SER A 124 0.37 -12.92 9.96
C SER A 124 -0.59 -13.29 11.10
N ASN A 125 -0.14 -13.15 12.37
CA ASN A 125 -0.98 -13.23 13.56
C ASN A 125 -1.55 -11.87 14.03
N LEU A 126 -0.99 -10.78 13.50
CA LEU A 126 -1.44 -9.43 13.83
C LEU A 126 -1.79 -8.67 12.56
N ILE A 127 -2.70 -7.72 12.71
CA ILE A 127 -2.99 -6.70 11.70
C ILE A 127 -2.73 -5.34 12.30
N VAL A 128 -2.13 -4.46 11.50
CA VAL A 128 -2.05 -3.06 11.88
C VAL A 128 -2.92 -2.25 10.95
N SER A 129 -3.53 -1.23 11.53
CA SER A 129 -4.45 -0.37 10.74
C SER A 129 -4.22 1.10 11.11
N GLY A 130 -4.50 1.98 10.13
CA GLY A 130 -4.46 3.41 10.37
C GLY A 130 -5.75 4.05 9.91
N SER A 131 -6.11 5.14 10.58
CA SER A 131 -7.46 5.69 10.36
C SER A 131 -7.48 7.23 10.28
N PHE A 132 -8.56 7.74 9.69
CA PHE A 132 -8.85 9.18 9.81
C PHE A 132 -9.01 9.66 11.27
N ASP A 133 -9.26 8.70 12.19
CA ASP A 133 -9.39 9.06 13.62
C ASP A 133 -8.01 9.36 14.29
N GLU A 134 -6.93 9.30 13.49
CA GLU A 134 -5.58 9.75 13.90
C GLU A 134 -4.83 8.70 14.75
N SER A 135 -5.44 7.50 14.89
CA SER A 135 -4.79 6.42 15.63
C SER A 135 -4.29 5.29 14.70
N VAL A 136 -3.43 4.49 15.30
CA VAL A 136 -2.97 3.24 14.75
C VAL A 136 -3.49 2.14 15.70
N ARG A 137 -4.16 1.12 15.17
CA ARG A 137 -4.60 -0.02 16.02
C ARG A 137 -3.90 -1.30 15.59
N ILE A 138 -3.67 -2.18 16.57
CA ILE A 138 -3.04 -3.48 16.33
C ILE A 138 -4.07 -4.49 16.81
N TRP A 139 -4.33 -5.47 15.93
CA TRP A 139 -5.43 -6.41 16.14
C TRP A 139 -4.93 -7.84 16.12
N ASP A 140 -5.57 -8.67 16.96
CA ASP A 140 -5.31 -10.12 16.87
C ASP A 140 -6.09 -10.76 15.71
N VAL A 141 -5.40 -11.43 14.80
CA VAL A 141 -6.08 -11.96 13.59
C VAL A 141 -7.09 -13.06 13.97
N LYS A 142 -6.66 -13.98 14.84
CA LYS A 142 -7.49 -15.14 15.19
C LYS A 142 -8.83 -14.74 15.86
N THR A 143 -8.74 -13.84 16.83
CA THR A 143 -9.91 -13.39 17.60
C THR A 143 -10.62 -12.16 17.03
N GLY A 144 -9.92 -11.35 16.21
CA GLY A 144 -10.49 -10.15 15.61
C GLY A 144 -10.61 -9.03 16.61
N LYS A 145 -9.92 -9.17 17.73
CA LYS A 145 -9.98 -8.24 18.88
C LYS A 145 -8.85 -7.22 18.74
N CYS A 146 -9.15 -5.97 19.09
CA CYS A 146 -8.10 -4.94 19.16
C CYS A 146 -7.22 -5.15 20.40
N LEU A 147 -5.90 -5.23 20.18
CA LEU A 147 -4.91 -5.48 21.24
C LEU A 147 -4.37 -4.16 21.80
N LYS A 148 -4.12 -3.20 20.92
CA LYS A 148 -3.53 -1.92 21.32
C LYS A 148 -4.03 -0.80 20.38
N THR A 149 -4.19 0.39 20.93
CA THR A 149 -4.55 1.59 20.20
C THR A 149 -3.46 2.61 20.54
N LEU A 150 -2.79 3.07 19.50
CA LEU A 150 -1.68 4.01 19.65
C LEU A 150 -2.20 5.39 19.24
N PRO A 151 -2.05 6.40 20.13
CA PRO A 151 -2.47 7.78 19.79
C PRO A 151 -1.37 8.38 18.89
N ALA A 152 -1.32 7.86 17.66
CA ALA A 152 -0.11 7.93 16.84
C ALA A 152 0.20 9.31 16.27
N HIS A 153 -0.85 10.01 15.86
CA HIS A 153 -0.73 11.21 15.00
C HIS A 153 -1.77 12.29 15.35
N SER A 154 -1.63 13.46 14.73
CA SER A 154 -2.60 14.56 14.96
C SER A 154 -3.35 14.91 13.67
N ASP A 155 -3.46 13.93 12.76
CA ASP A 155 -4.17 14.07 11.51
C ASP A 155 -4.29 12.64 10.91
N PRO A 156 -5.09 12.48 9.86
CA PRO A 156 -5.29 11.13 9.32
C PRO A 156 -4.00 10.36 9.08
N VAL A 157 -4.05 9.07 9.40
CA VAL A 157 -2.94 8.16 9.20
C VAL A 157 -3.02 7.55 7.80
N SER A 158 -2.01 7.81 6.98
CA SER A 158 -2.05 7.39 5.57
C SER A 158 -1.50 5.98 5.27
N ALA A 159 -0.56 5.53 6.09
CA ALA A 159 0.04 4.20 5.89
C ALA A 159 0.58 3.60 7.17
N VAL A 160 0.63 2.27 7.19
CA VAL A 160 1.13 1.51 8.32
C VAL A 160 1.77 0.22 7.76
N HIS A 161 2.92 -0.15 8.33
CA HIS A 161 3.63 -1.33 7.82
C HIS A 161 4.51 -1.90 8.92
N PHE A 162 4.57 -3.24 9.00
CA PHE A 162 5.51 -3.89 9.93
C PHE A 162 6.89 -4.07 9.29
N ASN A 163 7.93 -4.05 10.11
CA ASN A 163 9.26 -4.39 9.60
C ASN A 163 9.44 -5.90 9.46
N ARG A 164 10.68 -6.30 9.12
CA ARG A 164 10.95 -7.64 8.63
C ARG A 164 10.65 -8.70 9.70
N ASP A 165 10.93 -8.39 10.95
CA ASP A 165 10.63 -9.37 12.01
C ASP A 165 9.36 -9.07 12.80
N GLY A 166 8.62 -8.01 12.42
CA GLY A 166 7.38 -7.68 13.08
C GLY A 166 7.47 -6.91 14.39
N SER A 167 8.71 -6.63 14.83
CA SER A 167 8.89 -5.99 16.14
C SER A 167 8.58 -4.48 16.08
N LEU A 168 8.64 -3.91 14.87
CA LEU A 168 8.36 -2.46 14.69
C LEU A 168 7.18 -2.23 13.71
N ILE A 169 6.53 -1.10 13.90
CA ILE A 169 5.55 -0.58 12.96
C ILE A 169 6.01 0.80 12.52
N VAL A 170 5.93 1.08 11.23
CA VAL A 170 6.10 2.47 10.79
C VAL A 170 4.73 3.03 10.38
N SER A 171 4.46 4.29 10.72
CA SER A 171 3.19 4.91 10.31
C SER A 171 3.50 6.26 9.71
N SER A 172 2.59 6.77 8.89
CA SER A 172 2.75 8.10 8.30
C SER A 172 1.42 8.84 8.37
N SER A 173 1.49 10.16 8.32
CA SER A 173 0.29 10.95 8.52
C SER A 173 0.33 12.28 7.81
N TYR A 174 -0.86 12.80 7.53
CA TYR A 174 -1.02 14.17 7.07
C TYR A 174 -0.39 15.21 8.00
N ASP A 175 -0.15 14.80 9.28
CA ASP A 175 0.50 15.74 10.24
C ASP A 175 2.00 15.98 9.92
N GLY A 176 2.50 15.34 8.84
CA GLY A 176 3.88 15.61 8.36
C GLY A 176 4.91 14.65 8.95
N LEU A 177 4.46 13.75 9.82
CA LEU A 177 5.39 12.85 10.51
C LEU A 177 5.34 11.42 10.00
N CYS A 178 6.50 10.75 10.08
CA CYS A 178 6.62 9.30 10.04
C CYS A 178 7.03 8.90 11.45
N ARG A 179 6.33 7.93 12.05
CA ARG A 179 6.75 7.44 13.35
C ARG A 179 7.00 5.96 13.36
N ILE A 180 7.90 5.52 14.23
CA ILE A 180 8.22 4.08 14.32
C ILE A 180 7.90 3.68 15.73
N TRP A 181 7.15 2.57 15.83
CA TRP A 181 6.53 2.14 17.08
C TRP A 181 7.03 0.74 17.45
N ASP A 182 7.24 0.51 18.74
CA ASP A 182 7.51 -0.84 19.22
C ASP A 182 6.18 -1.65 19.27
N THR A 183 6.11 -2.72 18.50
CA THR A 183 4.85 -3.50 18.38
C THR A 183 4.40 -3.96 19.77
N ALA A 184 5.35 -4.47 20.53
CA ALA A 184 5.00 -5.10 21.81
C ALA A 184 4.61 -4.07 22.89
N SER A 185 5.31 -2.94 22.98
CA SER A 185 5.05 -1.94 24.02
C SER A 185 4.15 -0.79 23.59
N GLY A 186 4.05 -0.57 22.28
CA GLY A 186 3.35 0.60 21.77
C GLY A 186 4.10 1.92 21.88
N GLN A 187 5.35 1.92 22.38
CA GLN A 187 6.04 3.19 22.55
C GLN A 187 6.54 3.74 21.22
N CYS A 188 6.52 5.07 21.14
CA CYS A 188 7.09 5.77 19.97
C CYS A 188 8.61 5.78 20.11
N LEU A 189 9.27 5.06 19.21
CA LEU A 189 10.72 4.97 19.22
C LEU A 189 11.44 6.03 18.39
N LYS A 190 10.73 6.63 17.42
CA LYS A 190 11.39 7.60 16.53
C LYS A 190 10.35 8.40 15.78
N THR A 191 10.63 9.68 15.58
CA THR A 191 9.80 10.53 14.70
C THR A 191 10.76 11.07 13.64
N LEU A 192 10.40 10.87 12.38
CA LEU A 192 11.21 11.30 11.24
C LEU A 192 10.48 12.36 10.44
N ILE A 193 11.18 13.42 10.13
CA ILE A 193 10.70 14.53 9.34
C ILE A 193 11.90 15.26 8.72
N ASP A 194 11.74 15.70 7.47
CA ASP A 194 12.90 16.38 6.85
C ASP A 194 12.77 17.93 7.04
N ASP A 195 13.40 18.73 6.17
CA ASP A 195 13.43 20.22 6.38
C ASP A 195 12.11 20.98 6.15
N ASP A 196 11.10 20.33 5.55
CA ASP A 196 9.82 20.96 5.37
C ASP A 196 8.80 19.96 6.01
N ASN A 197 7.53 20.36 6.22
CA ASN A 197 6.48 19.51 6.88
C ASN A 197 5.25 19.12 5.99
N PRO A 198 5.52 18.74 4.72
CA PRO A 198 4.30 18.35 3.91
C PRO A 198 3.65 17.08 4.47
N PRO A 199 2.35 16.88 4.21
CA PRO A 199 1.74 15.58 4.56
C PRO A 199 2.57 14.39 4.05
N VAL A 200 2.76 13.38 4.90
CA VAL A 200 3.38 12.12 4.51
C VAL A 200 2.24 11.22 4.06
N SER A 201 2.30 10.79 2.80
CA SER A 201 1.16 10.10 2.17
C SER A 201 1.30 8.60 2.05
N PHE A 202 2.50 8.10 2.28
CA PHE A 202 2.81 6.66 2.21
C PHE A 202 4.14 6.38 2.88
N VAL A 203 4.25 5.22 3.52
CA VAL A 203 5.50 4.73 4.05
C VAL A 203 5.50 3.21 4.05
N LYS A 204 6.70 2.65 3.91
CA LYS A 204 6.88 1.22 4.10
C LYS A 204 8.37 0.91 4.34
N PHE A 205 8.63 -0.15 5.08
CA PHE A 205 10.00 -0.65 5.22
C PHE A 205 10.48 -1.30 3.91
N SER A 206 11.80 -1.23 3.67
CA SER A 206 12.42 -1.94 2.54
C SER A 206 12.42 -3.47 2.79
N PRO A 207 12.53 -4.27 1.70
CA PRO A 207 12.55 -5.73 1.91
C PRO A 207 13.59 -6.22 2.92
N ASN A 208 14.77 -5.61 2.97
CA ASN A 208 15.79 -6.02 3.92
C ASN A 208 15.60 -5.41 5.29
N GLY A 209 14.60 -4.52 5.40
CA GLY A 209 14.24 -3.90 6.70
C GLY A 209 15.13 -2.77 7.18
N LYS A 210 16.19 -2.45 6.43
CA LYS A 210 17.10 -1.36 6.84
C LYS A 210 16.53 0.08 6.63
N TYR A 211 15.64 0.22 5.64
CA TYR A 211 15.19 1.53 5.16
C TYR A 211 13.70 1.69 5.29
N ILE A 212 13.26 2.95 5.22
CA ILE A 212 11.84 3.29 5.07
C ILE A 212 11.74 4.13 3.82
N LEU A 213 10.78 3.78 2.98
CA LEU A 213 10.48 4.58 1.76
C LEU A 213 9.25 5.41 2.08
N ALA A 214 9.33 6.75 2.01
CA ALA A 214 8.23 7.65 2.41
C ALA A 214 7.86 8.56 1.25
N ALA A 215 6.57 8.68 0.98
CA ALA A 215 6.08 9.65 -0.02
C ALA A 215 5.58 10.86 0.76
N THR A 216 5.85 12.06 0.24
CA THR A 216 5.28 13.28 0.79
C THR A 216 4.60 14.04 -0.34
N LEU A 217 3.61 14.86 0.03
CA LEU A 217 2.73 15.53 -0.96
C LEU A 217 3.30 16.82 -1.55
N ASP A 218 4.62 16.76 -1.74
CA ASP A 218 5.40 17.78 -2.45
C ASP A 218 6.17 17.06 -3.56
N ASN A 219 5.52 16.09 -4.20
CA ASN A 219 6.06 15.43 -5.40
C ASN A 219 7.38 14.74 -5.10
N THR A 220 7.53 14.15 -3.88
CA THR A 220 8.83 13.58 -3.51
C THR A 220 8.72 12.21 -2.83
N LEU A 221 9.58 11.26 -3.22
CA LEU A 221 9.82 10.03 -2.44
C LEU A 221 11.21 10.08 -1.81
N LYS A 222 11.33 9.54 -0.61
CA LYS A 222 12.61 9.54 0.08
C LYS A 222 12.89 8.18 0.70
N LEU A 223 14.15 7.78 0.64
CA LEU A 223 14.61 6.57 1.29
C LEU A 223 15.39 6.98 2.53
N TRP A 224 14.93 6.53 3.71
CA TRP A 224 15.52 6.87 4.98
C TRP A 224 16.21 5.64 5.56
N ASP A 225 17.34 5.89 6.21
CA ASP A 225 17.97 4.87 7.03
C ASP A 225 17.28 5.02 8.35
N TYR A 226 16.49 3.98 8.69
CA TYR A 226 15.72 3.96 9.91
C TYR A 226 16.64 4.09 11.14
N SER A 227 17.68 3.26 11.23
CA SER A 227 18.59 3.22 12.38
C SER A 227 19.22 4.61 12.62
N LYS A 228 19.72 5.23 11.55
CA LYS A 228 20.45 6.52 11.60
C LYS A 228 19.51 7.73 11.65
N GLY A 229 18.25 7.54 11.27
CA GLY A 229 17.33 8.66 11.21
C GLY A 229 17.71 9.67 10.13
N LYS A 230 18.28 9.18 9.03
CA LYS A 230 18.82 10.06 7.96
C LYS A 230 18.20 9.77 6.60
N CYS A 231 17.91 10.82 5.85
CA CYS A 231 17.41 10.66 4.50
C CYS A 231 18.59 10.40 3.58
N LEU A 232 18.58 9.25 2.92
CA LEU A 232 19.73 8.84 2.09
C LEU A 232 19.56 9.18 0.60
N LYS A 233 18.33 9.09 0.10
CA LYS A 233 18.04 9.24 -1.33
C LYS A 233 16.72 9.95 -1.49
N THR A 234 16.63 10.79 -2.52
CA THR A 234 15.39 11.46 -2.90
C THR A 234 15.06 11.06 -4.35
N TYR A 235 13.78 10.79 -4.60
CA TYR A 235 13.31 10.45 -5.95
C TYR A 235 12.28 11.49 -6.35
N THR A 236 12.56 12.18 -7.47
CA THR A 236 11.69 13.22 -7.94
C THR A 236 11.49 13.09 -9.45
N GLY A 237 10.50 13.83 -9.94
CA GLY A 237 10.16 13.83 -11.35
C GLY A 237 8.70 13.54 -11.63
N HIS A 238 7.99 12.96 -10.63
CA HIS A 238 6.59 12.61 -10.82
C HIS A 238 5.71 13.70 -10.20
N LYS A 239 4.39 13.51 -10.28
CA LYS A 239 3.44 14.45 -9.72
C LYS A 239 2.72 13.75 -8.57
N ASN A 240 2.85 14.31 -7.37
CA ASN A 240 2.08 13.75 -6.25
C ASN A 240 1.86 14.86 -5.19
N GLU A 241 0.71 15.55 -5.29
CA GLU A 241 0.33 16.59 -4.35
C GLU A 241 -1.02 16.35 -3.67
N LYS A 242 -1.79 15.36 -4.16
CA LYS A 242 -3.21 15.25 -3.79
C LYS A 242 -3.65 13.93 -3.18
N TYR A 243 -3.08 12.83 -3.68
CA TYR A 243 -3.52 11.48 -3.32
C TYR A 243 -2.46 10.67 -2.62
N CYS A 244 -2.93 9.72 -1.80
CA CYS A 244 -2.02 8.82 -1.11
C CYS A 244 -1.67 7.68 -2.04
N ILE A 245 -0.57 7.91 -2.79
CA ILE A 245 -0.13 6.97 -3.82
C ILE A 245 0.90 5.99 -3.23
N PHE A 246 0.69 4.69 -3.44
CA PHE A 246 1.64 3.67 -2.97
C PHE A 246 2.97 3.80 -3.67
N ALA A 247 4.02 3.29 -3.03
CA ALA A 247 5.30 3.15 -3.74
C ALA A 247 5.92 1.80 -3.41
N ASN A 248 6.73 1.28 -4.34
CA ASN A 248 7.26 -0.09 -4.17
C ASN A 248 8.76 -0.16 -4.36
N PHE A 249 9.36 -1.22 -3.79
CA PHE A 249 10.70 -1.68 -4.18
C PHE A 249 10.52 -2.82 -5.15
N SER A 250 11.05 -2.64 -6.36
CA SER A 250 11.05 -3.74 -7.33
C SER A 250 12.39 -4.44 -7.19
N VAL A 251 12.35 -5.77 -7.00
CA VAL A 251 13.55 -6.52 -6.62
C VAL A 251 13.82 -7.76 -7.48
N THR A 252 12.94 -8.06 -8.41
CA THR A 252 13.06 -9.31 -9.19
C THR A 252 14.13 -9.23 -10.28
N GLY A 253 14.30 -8.04 -10.82
CA GLY A 253 15.35 -7.80 -11.82
C GLY A 253 16.23 -6.66 -11.33
N GLY A 254 16.24 -5.57 -12.09
CA GLY A 254 16.98 -4.37 -11.60
C GLY A 254 16.34 -3.86 -10.31
N LYS A 255 17.14 -3.19 -9.48
CA LYS A 255 16.61 -2.68 -8.20
C LYS A 255 16.02 -1.27 -8.41
N TRP A 256 14.69 -1.22 -8.50
CA TRP A 256 14.00 0.02 -8.81
C TRP A 256 13.10 0.49 -7.65
N ILE A 257 12.71 1.74 -7.75
CA ILE A 257 11.57 2.28 -6.96
C ILE A 257 10.47 2.52 -7.98
N VAL A 258 9.24 2.13 -7.64
CA VAL A 258 8.11 2.27 -8.56
C VAL A 258 6.97 3.07 -7.86
N SER A 259 6.33 4.00 -8.59
CA SER A 259 5.18 4.71 -8.02
C SER A 259 4.25 5.21 -9.09
N GLY A 260 2.97 5.22 -8.79
CA GLY A 260 2.02 5.93 -9.62
C GLY A 260 2.28 7.43 -9.56
N SER A 261 1.52 8.19 -10.33
CA SER A 261 1.69 9.64 -10.40
C SER A 261 0.39 10.29 -10.87
N GLU A 262 0.26 11.56 -10.53
CA GLU A 262 -0.97 12.32 -10.83
C GLU A 262 -1.03 12.84 -12.27
N ASP A 263 0.02 12.59 -13.06
CA ASP A 263 -0.04 12.80 -14.51
C ASP A 263 -0.37 11.49 -15.26
N ASN A 264 -0.91 10.50 -14.53
CA ASN A 264 -1.49 9.27 -15.14
C ASN A 264 -0.44 8.26 -15.59
N LEU A 265 0.81 8.51 -15.20
CA LEU A 265 1.93 7.61 -15.50
C LEU A 265 2.41 6.77 -14.31
N VAL A 266 3.03 5.62 -14.64
CA VAL A 266 3.83 4.89 -13.66
C VAL A 266 5.29 5.33 -13.79
N TYR A 267 5.92 5.76 -12.70
CA TYR A 267 7.34 6.10 -12.74
C TYR A 267 8.18 4.97 -12.15
N ILE A 268 9.35 4.75 -12.75
CA ILE A 268 10.32 3.76 -12.26
C ILE A 268 11.68 4.48 -12.24
N TRP A 269 12.30 4.44 -11.05
CA TRP A 269 13.63 5.06 -10.83
C TRP A 269 14.62 3.96 -10.48
N ASN A 270 15.90 4.21 -10.81
CA ASN A 270 16.97 3.37 -10.31
C ASN A 270 17.17 3.69 -8.82
N LEU A 271 17.04 2.68 -7.96
CA LEU A 271 17.11 2.93 -6.52
C LEU A 271 18.42 3.62 -6.11
N GLN A 272 19.52 3.14 -6.66
CA GLN A 272 20.83 3.63 -6.26
C GLN A 272 21.09 5.02 -6.85
N THR A 273 20.86 5.19 -8.15
CA THR A 273 21.27 6.44 -8.81
C THR A 273 20.22 7.52 -8.77
N LYS A 274 18.94 7.14 -8.56
CA LYS A 274 17.81 8.09 -8.42
C LYS A 274 17.32 8.63 -9.77
N GLU A 275 17.93 8.16 -10.85
CA GLU A 275 17.47 8.54 -12.18
C GLU A 275 16.15 7.84 -12.54
N ILE A 276 15.28 8.54 -13.25
CA ILE A 276 14.14 7.89 -13.86
C ILE A 276 14.64 6.96 -14.95
N VAL A 277 14.20 5.70 -14.90
CA VAL A 277 14.55 4.71 -15.94
C VAL A 277 13.39 4.32 -16.89
N GLN A 278 12.14 4.55 -16.45
CA GLN A 278 11.01 4.38 -17.36
C GLN A 278 9.77 5.10 -16.84
N LYS A 279 8.91 5.49 -17.77
CA LYS A 279 7.56 5.99 -17.45
C LYS A 279 6.55 5.18 -18.27
N LEU A 280 5.58 4.58 -17.58
CA LEU A 280 4.56 3.75 -18.25
C LEU A 280 3.29 4.55 -18.54
N GLN A 281 2.98 4.65 -19.84
CA GLN A 281 1.82 5.41 -20.30
C GLN A 281 0.71 4.47 -20.70
N GLY A 282 -0.51 4.85 -20.34
CA GLY A 282 -1.65 4.04 -20.74
C GLY A 282 -2.90 4.35 -19.95
N HIS A 283 -2.75 4.64 -18.67
CA HIS A 283 -3.92 4.99 -17.87
C HIS A 283 -4.53 6.36 -18.28
N THR A 284 -5.82 6.55 -17.98
CA THR A 284 -6.54 7.77 -18.38
C THR A 284 -6.91 8.63 -17.14
N ASP A 285 -6.44 8.20 -15.96
CA ASP A 285 -6.57 8.99 -14.72
C ASP A 285 -5.37 8.68 -13.81
N VAL A 286 -5.33 9.35 -12.65
CA VAL A 286 -4.26 9.24 -11.70
C VAL A 286 -3.99 7.76 -11.39
N VAL A 287 -2.72 7.37 -11.39
CA VAL A 287 -2.35 6.02 -10.99
C VAL A 287 -2.12 6.06 -9.46
N ILE A 288 -3.07 5.53 -8.70
CA ILE A 288 -3.05 5.58 -7.22
C ILE A 288 -2.25 4.46 -6.56
N SER A 289 -2.12 3.34 -7.25
CA SER A 289 -1.46 2.20 -6.66
C SER A 289 -0.71 1.41 -7.69
N THR A 290 0.45 0.89 -7.24
CA THR A 290 1.22 -0.07 -8.03
C THR A 290 1.71 -1.19 -7.10
N ALA A 291 2.01 -2.34 -7.68
CA ALA A 291 2.57 -3.46 -6.93
C ALA A 291 3.50 -4.21 -7.83
N CYS A 292 4.52 -4.83 -7.22
CA CYS A 292 5.52 -5.58 -8.02
C CYS A 292 5.44 -7.07 -7.69
N HIS A 293 5.41 -7.91 -8.73
CA HIS A 293 5.26 -9.37 -8.54
C HIS A 293 6.47 -9.91 -7.74
N PRO A 294 6.26 -10.90 -6.86
CA PRO A 294 7.39 -11.35 -6.06
C PRO A 294 8.48 -12.12 -6.78
N THR A 295 8.20 -12.68 -7.96
CA THR A 295 9.23 -13.46 -8.66
C THR A 295 9.46 -13.10 -10.12
N GLU A 296 8.42 -12.62 -10.81
CA GLU A 296 8.52 -12.21 -12.20
C GLU A 296 8.63 -10.68 -12.27
N ASN A 297 9.22 -10.17 -13.35
CA ASN A 297 9.25 -8.69 -13.52
C ASN A 297 7.92 -8.21 -14.05
N ILE A 298 6.95 -8.13 -13.14
CA ILE A 298 5.61 -7.72 -13.50
C ILE A 298 5.17 -6.62 -12.54
N ILE A 299 4.61 -5.55 -13.09
CA ILE A 299 4.05 -4.44 -12.32
C ILE A 299 2.54 -4.44 -12.58
N ALA A 300 1.74 -4.32 -11.50
CA ALA A 300 0.29 -4.00 -11.64
C ALA A 300 0.13 -2.53 -11.28
N SER A 301 -0.73 -1.87 -12.03
CA SER A 301 -1.06 -0.46 -11.73
C SER A 301 -2.56 -0.28 -11.74
N ALA A 302 -3.05 0.67 -10.94
CA ALA A 302 -4.50 0.91 -10.84
C ALA A 302 -4.81 2.40 -10.85
N ALA A 303 -5.94 2.77 -11.47
CA ALA A 303 -6.22 4.18 -11.64
C ALA A 303 -7.59 4.62 -11.14
N LEU A 304 -7.74 5.94 -11.03
CA LEU A 304 -8.90 6.55 -10.39
C LEU A 304 -10.17 6.60 -11.29
N GLU A 305 -11.17 7.40 -10.86
CA GLU A 305 -12.56 7.26 -11.34
C GLU A 305 -12.78 7.38 -12.85
N ASN A 306 -11.95 8.17 -13.53
CA ASN A 306 -12.18 8.39 -14.96
C ASN A 306 -11.68 7.20 -15.80
N ASP A 307 -10.93 6.30 -15.14
CA ASP A 307 -10.20 5.18 -15.79
C ASP A 307 -10.83 3.82 -15.34
N LYS A 308 -10.78 3.53 -14.04
CA LYS A 308 -11.38 2.31 -13.42
C LYS A 308 -10.71 1.02 -13.80
N THR A 309 -9.54 1.07 -14.47
CA THR A 309 -8.89 -0.21 -14.82
C THR A 309 -7.61 -0.44 -14.02
N ILE A 310 -7.16 -1.69 -14.10
CA ILE A 310 -5.90 -2.18 -13.56
C ILE A 310 -5.08 -2.64 -14.79
N LYS A 311 -3.77 -2.40 -14.80
CA LYS A 311 -2.97 -2.84 -15.95
C LYS A 311 -1.81 -3.68 -15.43
N LEU A 312 -1.44 -4.71 -16.19
CA LEU A 312 -0.29 -5.55 -15.89
C LEU A 312 0.76 -5.31 -16.96
N TRP A 313 1.96 -5.00 -16.50
CA TRP A 313 3.07 -4.66 -17.39
C TRP A 313 4.18 -5.68 -17.11
N LYS A 314 4.93 -6.07 -18.13
CA LYS A 314 6.01 -7.05 -17.92
C LYS A 314 7.28 -6.58 -18.60
N SER A 315 8.42 -6.82 -17.95
CA SER A 315 9.73 -6.43 -18.45
C SER A 315 10.63 -7.68 -18.55
N ASP A 316 11.57 -7.65 -19.48
CA ASP A 316 12.60 -8.71 -19.55
C ASP A 316 13.70 -8.62 -18.48
N CYS A 317 13.73 -7.50 -17.73
CA CYS A 317 14.75 -7.26 -16.70
C CYS A 317 14.30 -6.28 -15.63
N ALA B 1 -12.80 7.85 0.96
CA ALA B 1 -11.75 6.81 0.69
C ALA B 1 -10.55 7.40 -0.07
N ARG B 2 -9.48 6.62 -0.17
CA ARG B 2 -8.22 7.03 -0.80
C ARG B 2 -8.41 7.65 -2.17
N THR B 3 -9.48 7.24 -2.83
CA THR B 3 -9.73 7.67 -4.21
C THR B 3 -10.31 9.06 -4.34
N GLN B 5 -9.94 13.31 -2.45
CA GLN B 5 -9.45 14.42 -1.58
C GLN B 5 -8.20 15.13 -2.14
#